data_1BGK
#
_entry.id   1BGK
#
_cell.length_a   1.000
_cell.length_b   1.000
_cell.length_c   1.000
_cell.angle_alpha   90.00
_cell.angle_beta   90.00
_cell.angle_gamma   90.00
#
_symmetry.space_group_name_H-M   'P 1'
#
_entity_poly.entity_id   1
_entity_poly.type   'polypeptide(L)'
_entity_poly.pdbx_seq_one_letter_code
;VCRDWFKETACRHAKSLGNCRTSQKYRANCAKTCELC
;
_entity_poly.pdbx_strand_id   A
#
# COMPACT_ATOMS: atom_id res chain seq x y z
N VAL A 1 -9.63 3.58 -11.31
CA VAL A 1 -8.87 2.32 -11.11
C VAL A 1 -7.99 2.45 -9.88
N CYS A 2 -7.96 1.44 -9.04
CA CYS A 2 -7.12 1.52 -7.82
C CYS A 2 -5.66 1.25 -8.17
N ARG A 3 -4.78 1.34 -7.21
CA ARG A 3 -3.33 1.11 -7.46
C ARG A 3 -2.53 1.83 -6.37
N ASP A 4 -1.23 1.68 -6.36
CA ASP A 4 -0.45 2.38 -5.30
C ASP A 4 -0.63 3.89 -5.52
N TRP A 5 0.09 4.72 -4.82
CA TRP A 5 -0.10 6.18 -5.06
C TRP A 5 1.20 6.91 -4.71
N PHE A 6 1.94 6.46 -3.72
CA PHE A 6 3.19 7.19 -3.40
C PHE A 6 4.19 6.54 -4.36
N LYS A 7 5.41 6.30 -3.95
CA LYS A 7 6.35 5.66 -4.90
C LYS A 7 5.98 4.18 -4.79
N GLU A 8 6.03 3.41 -5.84
CA GLU A 8 5.66 1.97 -5.70
C GLU A 8 6.40 1.33 -4.53
N THR A 9 7.47 1.92 -4.04
CA THR A 9 8.18 1.30 -2.90
C THR A 9 7.62 1.82 -1.57
N ALA A 10 7.16 3.04 -1.52
CA ALA A 10 6.60 3.55 -0.23
C ALA A 10 5.61 2.48 0.21
N CYS A 11 4.93 1.99 -0.78
CA CYS A 11 3.90 0.93 -0.61
C CYS A 11 4.56 -0.36 -0.13
N ARG A 12 5.48 -0.92 -0.87
CA ARG A 12 6.16 -2.18 -0.45
C ARG A 12 6.62 -2.06 1.00
N HIS A 13 6.86 -0.87 1.47
CA HIS A 13 7.31 -0.74 2.88
C HIS A 13 6.10 -1.17 3.70
N ALA A 14 5.01 -0.51 3.47
CA ALA A 14 3.75 -0.84 4.21
C ALA A 14 3.31 -2.29 3.94
N LYS A 15 3.76 -2.92 2.88
CA LYS A 15 3.31 -4.32 2.64
C LYS A 15 4.15 -5.22 3.57
N SER A 16 5.44 -5.03 3.65
CA SER A 16 6.28 -5.88 4.53
C SER A 16 6.49 -5.24 5.91
N LEU A 17 5.77 -4.21 6.24
CA LEU A 17 6.01 -3.63 7.59
C LEU A 17 4.83 -3.82 8.55
N GLY A 18 3.61 -3.74 8.10
CA GLY A 18 2.50 -3.94 9.09
C GLY A 18 1.31 -3.06 8.70
N ASN A 19 1.60 -1.98 8.05
CA ASN A 19 0.55 -1.03 7.61
C ASN A 19 -0.16 -1.49 6.34
N CYS A 20 0.27 -2.58 5.76
CA CYS A 20 -0.39 -3.09 4.51
C CYS A 20 -1.88 -2.80 4.59
N ARG A 21 -2.50 -3.18 5.68
CA ARG A 21 -3.96 -2.94 5.83
C ARG A 21 -4.27 -2.20 7.14
N THR A 22 -3.28 -1.79 7.87
CA THR A 22 -3.53 -1.06 9.15
C THR A 22 -3.39 0.44 8.91
N SER A 23 -2.91 0.84 7.78
CA SER A 23 -2.76 2.30 7.53
C SER A 23 -3.67 2.59 6.34
N GLN A 24 -4.26 3.75 6.25
CA GLN A 24 -5.15 4.02 5.09
C GLN A 24 -4.43 4.22 3.76
N LYS A 25 -3.67 5.27 3.56
CA LYS A 25 -3.00 5.40 2.25
C LYS A 25 -2.15 4.14 1.99
N TYR A 26 -1.40 3.80 2.99
CA TYR A 26 -0.50 2.61 2.99
C TYR A 26 -1.21 1.33 2.56
N ARG A 27 -2.51 1.22 2.71
CA ARG A 27 -3.21 -0.02 2.30
C ARG A 27 -3.85 0.23 0.92
N ALA A 28 -4.66 1.25 0.80
CA ALA A 28 -5.31 1.55 -0.50
C ALA A 28 -4.28 2.27 -1.38
N ASN A 29 -3.75 3.37 -0.92
CA ASN A 29 -2.74 4.10 -1.74
C ASN A 29 -1.51 3.23 -2.02
N CYS A 30 -1.41 2.12 -1.34
CA CYS A 30 -0.24 1.22 -1.57
C CYS A 30 -0.82 -0.19 -1.62
N ALA A 31 -1.95 -0.25 -2.26
CA ALA A 31 -2.73 -1.50 -2.47
C ALA A 31 -2.06 -2.37 -3.54
N LYS A 32 -1.05 -1.86 -4.17
CA LYS A 32 -0.33 -2.64 -5.22
C LYS A 32 0.73 -3.47 -4.51
N THR A 33 1.12 -3.01 -3.34
CA THR A 33 2.14 -3.67 -2.50
C THR A 33 1.46 -4.71 -1.62
N CYS A 34 0.19 -4.55 -1.36
CA CYS A 34 -0.51 -5.54 -0.51
C CYS A 34 -1.66 -6.18 -1.29
N GLU A 35 -1.85 -5.80 -2.51
CA GLU A 35 -2.95 -6.37 -3.34
C GLU A 35 -4.32 -5.97 -2.81
N LEU A 36 -4.35 -4.80 -2.24
CA LEU A 36 -5.61 -4.25 -1.70
C LEU A 36 -6.33 -3.58 -2.87
N CYS A 37 -5.76 -3.59 -4.05
CA CYS A 37 -6.43 -2.94 -5.21
C CYS A 37 -7.85 -3.52 -5.35
N VAL A 1 -11.23 4.23 -8.48
CA VAL A 1 -9.97 3.66 -9.03
C VAL A 1 -8.86 3.73 -7.98
N CYS A 2 -8.30 2.62 -7.61
CA CYS A 2 -7.22 2.61 -6.58
C CYS A 2 -5.95 2.00 -7.17
N ARG A 3 -4.85 2.04 -6.45
CA ARG A 3 -3.57 1.47 -6.92
C ARG A 3 -2.43 2.22 -6.23
N ASP A 4 -1.21 1.79 -6.39
CA ASP A 4 -0.09 2.50 -5.72
C ASP A 4 -0.27 4.00 -5.95
N TRP A 5 0.35 4.83 -5.14
CA TRP A 5 0.18 6.30 -5.35
C TRP A 5 1.44 7.01 -4.88
N PHE A 6 2.11 6.52 -3.85
CA PHE A 6 3.32 7.23 -3.43
C PHE A 6 4.38 6.60 -4.35
N LYS A 7 5.56 6.33 -3.88
CA LYS A 7 6.53 5.70 -4.82
C LYS A 7 6.09 4.23 -4.79
N GLU A 8 6.22 3.48 -5.85
CA GLU A 8 5.77 2.06 -5.77
C GLU A 8 6.44 1.37 -4.58
N THR A 9 7.48 1.93 -4.02
CA THR A 9 8.11 1.24 -2.85
C THR A 9 7.53 1.76 -1.54
N ALA A 10 7.06 2.98 -1.48
CA ALA A 10 6.48 3.48 -0.20
C ALA A 10 5.46 2.40 0.13
N CYS A 11 4.78 2.03 -0.91
CA CYS A 11 3.73 0.99 -0.84
C CYS A 11 4.40 -0.24 -0.21
N ARG A 12 5.27 -0.86 -0.96
CA ARG A 12 6.01 -2.07 -0.50
C ARG A 12 6.44 -1.92 0.96
N HIS A 13 6.57 -0.73 1.46
CA HIS A 13 6.98 -0.63 2.88
C HIS A 13 5.78 -1.26 3.58
N ALA A 14 4.69 -0.54 3.57
CA ALA A 14 3.45 -1.03 4.23
C ALA A 14 3.20 -2.53 3.99
N LYS A 15 3.56 -3.10 2.87
CA LYS A 15 3.29 -4.55 2.71
C LYS A 15 4.31 -5.38 3.49
N SER A 16 5.57 -5.03 3.55
CA SER A 16 6.52 -5.89 4.33
C SER A 16 6.76 -5.42 5.76
N LEU A 17 6.22 -4.31 6.20
CA LEU A 17 6.49 -3.92 7.61
C LEU A 17 5.36 -4.50 8.44
N GLY A 18 4.17 -4.14 8.05
CA GLY A 18 3.00 -4.66 8.80
C GLY A 18 1.72 -3.88 8.48
N ASN A 19 1.83 -2.64 8.06
CA ASN A 19 0.58 -1.90 7.75
C ASN A 19 -0.30 -2.74 6.83
N CYS A 20 -0.04 -2.82 5.55
CA CYS A 20 -0.90 -3.63 4.63
C CYS A 20 -2.38 -3.60 5.04
N ARG A 21 -2.83 -2.54 5.67
CA ARG A 21 -4.24 -2.38 6.12
C ARG A 21 -4.37 -1.54 7.40
N THR A 22 -3.34 -1.38 8.18
CA THR A 22 -3.47 -0.57 9.42
C THR A 22 -3.12 0.89 9.11
N SER A 23 -2.96 1.21 7.86
CA SER A 23 -2.61 2.60 7.47
C SER A 23 -3.60 2.94 6.35
N GLN A 24 -4.11 4.14 6.29
CA GLN A 24 -5.08 4.45 5.21
C GLN A 24 -4.43 4.59 3.83
N LYS A 25 -3.73 5.65 3.53
CA LYS A 25 -3.13 5.73 2.17
C LYS A 25 -2.34 4.44 1.93
N TYR A 26 -1.50 4.09 2.85
CA TYR A 26 -0.70 2.85 2.73
C TYR A 26 -1.54 1.66 2.25
N ARG A 27 -2.59 1.32 2.94
CA ARG A 27 -3.42 0.17 2.49
C ARG A 27 -4.07 0.46 1.13
N ALA A 28 -4.84 1.51 1.02
CA ALA A 28 -5.49 1.83 -0.29
C ALA A 28 -4.50 2.49 -1.25
N ASN A 29 -4.01 3.66 -0.94
CA ASN A 29 -3.05 4.31 -1.88
C ASN A 29 -2.00 3.32 -2.35
N CYS A 30 -1.56 2.43 -1.49
CA CYS A 30 -0.52 1.45 -1.89
C CYS A 30 -1.12 0.04 -1.82
N ALA A 31 -2.19 -0.12 -2.54
CA ALA A 31 -2.92 -1.41 -2.60
C ALA A 31 -2.23 -2.37 -3.58
N LYS A 32 -1.17 -1.95 -4.21
CA LYS A 32 -0.45 -2.83 -5.17
C LYS A 32 0.57 -3.68 -4.42
N THR A 33 1.01 -3.15 -3.31
CA THR A 33 2.01 -3.82 -2.43
C THR A 33 1.27 -4.71 -1.43
N CYS A 34 0.12 -4.27 -1.03
CA CYS A 34 -0.71 -5.02 -0.05
C CYS A 34 -1.74 -5.84 -0.82
N GLU A 35 -1.88 -5.58 -2.09
CA GLU A 35 -2.87 -6.33 -2.91
C GLU A 35 -4.28 -5.99 -2.45
N LEU A 36 -4.38 -4.78 -2.00
CA LEU A 36 -5.67 -4.24 -1.53
C LEU A 36 -6.41 -3.72 -2.76
N CYS A 37 -5.79 -3.77 -3.92
CA CYS A 37 -6.49 -3.28 -5.13
C CYS A 37 -5.49 -3.15 -6.30
N VAL A 1 -8.81 2.70 -10.70
CA VAL A 1 -7.57 3.23 -10.07
C VAL A 1 -6.88 2.13 -9.26
N CYS A 2 -6.72 0.97 -9.84
CA CYS A 2 -6.05 -0.13 -9.09
C CYS A 2 -4.54 0.13 -9.00
N ARG A 3 -3.98 0.60 -7.91
CA ARG A 3 -2.49 0.83 -7.92
C ARG A 3 -2.05 1.38 -6.57
N ASP A 4 -0.86 1.91 -6.49
CA ASP A 4 -0.36 2.47 -5.20
C ASP A 4 -0.50 4.00 -5.22
N TRP A 5 0.29 4.72 -4.47
CA TRP A 5 0.12 6.19 -4.51
C TRP A 5 1.45 6.85 -4.17
N PHE A 6 2.24 6.29 -3.29
CA PHE A 6 3.54 6.93 -2.97
C PHE A 6 4.45 6.36 -4.05
N LYS A 7 5.71 6.16 -3.77
CA LYS A 7 6.57 5.58 -4.83
C LYS A 7 6.14 4.12 -4.81
N GLU A 8 6.24 3.40 -5.89
CA GLU A 8 5.80 1.97 -5.81
C GLU A 8 6.53 1.27 -4.66
N THR A 9 7.61 1.82 -4.18
CA THR A 9 8.32 1.16 -3.05
C THR A 9 7.84 1.71 -1.71
N ALA A 10 7.37 2.93 -1.66
CA ALA A 10 6.89 3.47 -0.36
C ALA A 10 5.87 2.41 0.07
N CYS A 11 5.18 1.90 -0.90
CA CYS A 11 4.17 0.87 -0.62
C CYS A 11 4.92 -0.41 -0.26
N ARG A 12 6.01 -0.69 -0.90
CA ARG A 12 6.76 -1.93 -0.55
C ARG A 12 6.91 -1.89 0.97
N HIS A 13 6.91 -0.70 1.52
CA HIS A 13 7.05 -0.57 3.00
C HIS A 13 5.70 -1.00 3.58
N ALA A 14 4.62 -0.40 3.16
CA ALA A 14 3.31 -0.81 3.73
C ALA A 14 3.15 -2.33 3.72
N LYS A 15 3.18 -2.96 2.57
CA LYS A 15 3.04 -4.44 2.55
C LYS A 15 4.17 -5.04 3.40
N SER A 16 5.35 -4.46 3.42
CA SER A 16 6.48 -5.03 4.24
C SER A 16 6.62 -4.37 5.61
N LEU A 17 5.66 -3.62 6.08
CA LEU A 17 5.83 -2.98 7.41
C LEU A 17 4.79 -3.49 8.42
N GLY A 18 3.58 -3.72 8.01
CA GLY A 18 2.56 -4.21 8.96
C GLY A 18 1.19 -3.60 8.67
N ASN A 19 1.11 -2.67 7.76
CA ASN A 19 -0.21 -2.05 7.47
C ASN A 19 -0.96 -2.89 6.43
N CYS A 20 -0.71 -2.72 5.16
CA CYS A 20 -1.44 -3.53 4.14
C CYS A 20 -2.92 -3.70 4.51
N ARG A 21 -3.47 -2.77 5.26
CA ARG A 21 -4.91 -2.84 5.68
C ARG A 21 -5.13 -2.09 7.00
N THR A 22 -4.14 -1.86 7.81
CA THR A 22 -4.37 -1.14 9.08
C THR A 22 -4.21 0.36 8.81
N SER A 23 -3.48 0.70 7.78
CA SER A 23 -3.28 2.13 7.46
C SER A 23 -4.04 2.37 6.16
N GLN A 24 -5.13 3.10 6.19
CA GLN A 24 -5.90 3.35 4.94
C GLN A 24 -4.97 3.69 3.78
N LYS A 25 -3.83 4.27 4.01
CA LYS A 25 -2.92 4.60 2.89
C LYS A 25 -2.03 3.38 2.64
N TYR A 26 -1.41 2.90 3.66
CA TYR A 26 -0.54 1.72 3.47
C TYR A 26 -1.32 0.50 2.97
N ARG A 27 -2.61 0.57 2.90
CA ARG A 27 -3.41 -0.58 2.42
C ARG A 27 -4.01 -0.12 1.09
N ALA A 28 -4.63 1.02 1.08
CA ALA A 28 -5.25 1.56 -0.16
C ALA A 28 -4.12 2.17 -1.00
N ASN A 29 -3.40 3.12 -0.47
CA ASN A 29 -2.29 3.73 -1.26
C ASN A 29 -1.28 2.65 -1.65
N CYS A 30 -1.35 1.51 -1.03
CA CYS A 30 -0.40 0.41 -1.37
C CYS A 30 -1.20 -0.82 -1.78
N ALA A 31 -2.26 -0.56 -2.51
CA ALA A 31 -3.14 -1.66 -2.99
C ALA A 31 -2.33 -2.47 -4.00
N LYS A 32 -1.31 -1.89 -4.55
CA LYS A 32 -0.44 -2.57 -5.54
C LYS A 32 0.65 -3.32 -4.75
N THR A 33 0.85 -2.91 -3.53
CA THR A 33 1.85 -3.51 -2.61
C THR A 33 1.09 -3.90 -1.35
N CYS A 34 0.12 -4.70 -1.62
CA CYS A 34 -0.79 -5.23 -0.59
C CYS A 34 -1.88 -6.11 -1.23
N GLU A 35 -2.27 -5.78 -2.44
CA GLU A 35 -3.31 -6.55 -3.16
C GLU A 35 -4.70 -6.15 -2.64
N LEU A 36 -4.89 -4.86 -2.68
CA LEU A 36 -6.13 -4.21 -2.22
C LEU A 36 -6.74 -3.49 -3.44
N CYS A 37 -6.02 -3.40 -4.53
CA CYS A 37 -6.59 -2.72 -5.72
C CYS A 37 -8.04 -3.17 -5.94
N VAL A 1 -9.94 3.45 -10.73
CA VAL A 1 -8.85 2.45 -10.94
C VAL A 1 -8.09 2.25 -9.64
N CYS A 2 -7.56 1.08 -9.41
CA CYS A 2 -6.81 0.83 -8.15
C CYS A 2 -5.30 0.81 -8.47
N ARG A 3 -4.46 0.83 -7.47
CA ARG A 3 -2.98 0.82 -7.68
C ARG A 3 -2.31 1.51 -6.49
N ASP A 4 -1.02 1.64 -6.51
CA ASP A 4 -0.32 2.32 -5.37
C ASP A 4 -0.46 3.82 -5.57
N TRP A 5 0.27 4.63 -4.86
CA TRP A 5 0.11 6.09 -5.09
C TRP A 5 1.40 6.84 -4.73
N PHE A 6 2.23 6.35 -3.86
CA PHE A 6 3.47 7.10 -3.55
C PHE A 6 4.47 6.67 -4.61
N LYS A 7 5.72 6.54 -4.29
CA LYS A 7 6.65 6.11 -5.38
C LYS A 7 6.66 4.59 -5.59
N GLU A 8 5.59 3.91 -5.29
CA GLU A 8 5.44 2.44 -5.44
C GLU A 8 6.17 1.66 -4.34
N THR A 9 7.30 2.13 -3.89
CA THR A 9 8.05 1.42 -2.84
C THR A 9 7.51 1.86 -1.49
N ALA A 10 7.09 3.09 -1.37
CA ALA A 10 6.54 3.57 -0.08
C ALA A 10 5.52 2.51 0.32
N CYS A 11 4.86 2.01 -0.68
CA CYS A 11 3.83 0.96 -0.52
C CYS A 11 4.48 -0.35 -0.06
N ARG A 12 5.37 -0.93 -0.79
CA ARG A 12 6.00 -2.20 -0.34
C ARG A 12 6.56 -2.05 1.07
N HIS A 13 6.77 -0.84 1.50
CA HIS A 13 7.30 -0.64 2.87
C HIS A 13 6.14 -1.08 3.76
N ALA A 14 4.98 -0.55 3.47
CA ALA A 14 3.76 -0.91 4.26
C ALA A 14 3.33 -2.36 3.99
N LYS A 15 3.70 -2.97 2.90
CA LYS A 15 3.26 -4.37 2.65
C LYS A 15 4.12 -5.28 3.54
N SER A 16 5.41 -5.05 3.62
CA SER A 16 6.27 -5.92 4.48
C SER A 16 6.46 -5.35 5.88
N LEU A 17 5.75 -4.33 6.26
CA LEU A 17 5.97 -3.81 7.63
C LEU A 17 4.78 -4.03 8.57
N GLY A 18 3.57 -3.91 8.11
CA GLY A 18 2.43 -4.15 9.03
C GLY A 18 1.26 -3.23 8.68
N ASN A 19 1.55 -2.13 8.04
CA ASN A 19 0.51 -1.17 7.63
C ASN A 19 -0.24 -1.62 6.39
N CYS A 20 0.20 -2.68 5.76
CA CYS A 20 -0.46 -3.18 4.52
C CYS A 20 -1.97 -2.93 4.59
N ARG A 21 -2.55 -3.24 5.71
CA ARG A 21 -4.02 -3.03 5.87
C ARG A 21 -4.37 -2.26 7.15
N THR A 22 -3.41 -1.84 7.92
CA THR A 22 -3.73 -1.10 9.17
C THR A 22 -3.52 0.40 8.95
N SER A 23 -2.92 0.80 7.85
CA SER A 23 -2.72 2.24 7.64
C SER A 23 -3.70 2.61 6.52
N GLN A 24 -3.95 3.85 6.20
CA GLN A 24 -4.93 4.07 5.11
C GLN A 24 -4.28 4.26 3.73
N LYS A 25 -3.34 5.15 3.56
CA LYS A 25 -2.74 5.29 2.20
C LYS A 25 -1.95 4.01 1.93
N TYR A 26 -1.27 3.62 2.96
CA TYR A 26 -0.40 2.41 3.01
C TYR A 26 -1.16 1.12 2.64
N ARG A 27 -2.46 1.10 2.70
CA ARG A 27 -3.20 -0.14 2.33
C ARG A 27 -3.90 0.11 1.00
N ALA A 28 -4.55 1.24 0.88
CA ALA A 28 -5.26 1.61 -0.38
C ALA A 28 -4.25 2.29 -1.31
N ASN A 29 -3.64 3.36 -0.87
CA ASN A 29 -2.64 4.06 -1.74
C ASN A 29 -1.46 3.13 -2.01
N CYS A 30 -1.38 2.06 -1.28
CA CYS A 30 -0.26 1.10 -1.47
C CYS A 30 -0.89 -0.28 -1.56
N ALA A 31 -2.02 -0.28 -2.21
CA ALA A 31 -2.84 -1.51 -2.44
C ALA A 31 -2.15 -2.37 -3.51
N LYS A 32 -1.14 -1.86 -4.15
CA LYS A 32 -0.43 -2.64 -5.20
C LYS A 32 0.63 -3.47 -4.47
N THR A 33 1.03 -2.97 -3.33
CA THR A 33 2.05 -3.64 -2.49
C THR A 33 1.37 -4.68 -1.59
N CYS A 34 0.10 -4.52 -1.36
CA CYS A 34 -0.60 -5.51 -0.51
C CYS A 34 -1.76 -6.16 -1.28
N GLU A 35 -1.97 -5.76 -2.50
CA GLU A 35 -3.08 -6.34 -3.31
C GLU A 35 -4.45 -5.94 -2.79
N LEU A 36 -4.50 -4.76 -2.23
CA LEU A 36 -5.77 -4.21 -1.68
C LEU A 36 -6.49 -3.55 -2.85
N CYS A 37 -5.88 -3.51 -4.02
CA CYS A 37 -6.56 -2.88 -5.17
C CYS A 37 -7.91 -3.58 -5.42
N VAL A 1 -10.59 3.32 -9.89
CA VAL A 1 -9.37 2.52 -10.21
C VAL A 1 -8.45 2.50 -8.99
N CYS A 2 -8.26 1.35 -8.40
CA CYS A 2 -7.37 1.26 -7.21
C CYS A 2 -5.93 1.07 -7.67
N ARG A 3 -4.98 1.14 -6.77
CA ARG A 3 -3.54 0.97 -7.14
C ARG A 3 -2.70 1.68 -6.09
N ASP A 4 -1.41 1.83 -6.33
CA ASP A 4 -0.56 2.53 -5.33
C ASP A 4 -0.69 4.03 -5.54
N TRP A 5 0.05 4.84 -4.83
CA TRP A 5 -0.11 6.30 -5.05
C TRP A 5 1.22 6.99 -4.68
N PHE A 6 1.95 6.52 -3.70
CA PHE A 6 3.23 7.19 -3.37
C PHE A 6 4.23 6.53 -4.32
N LYS A 7 5.45 6.34 -3.94
CA LYS A 7 6.38 5.69 -4.88
C LYS A 7 6.01 4.21 -4.76
N GLU A 8 6.10 3.44 -5.80
CA GLU A 8 5.74 1.98 -5.68
C GLU A 8 6.45 1.35 -4.49
N THR A 9 7.48 1.94 -3.97
CA THR A 9 8.17 1.30 -2.82
C THR A 9 7.58 1.79 -1.49
N ALA A 10 7.09 3.01 -1.43
CA ALA A 10 6.50 3.50 -0.15
C ALA A 10 5.52 2.39 0.25
N CYS A 11 4.87 1.92 -0.77
CA CYS A 11 3.86 0.84 -0.63
C CYS A 11 4.59 -0.42 -0.15
N ARG A 12 5.48 -0.96 -0.95
CA ARG A 12 6.24 -2.19 -0.56
C ARG A 12 6.62 -2.11 0.92
N HIS A 13 6.76 -0.94 1.45
CA HIS A 13 7.12 -0.89 2.90
C HIS A 13 5.87 -1.37 3.63
N ALA A 14 4.78 -0.67 3.45
CA ALA A 14 3.53 -1.08 4.13
C ALA A 14 3.26 -2.59 3.99
N LYS A 15 3.43 -3.22 2.85
CA LYS A 15 3.16 -4.69 2.79
C LYS A 15 4.20 -5.42 3.65
N SER A 16 5.47 -5.13 3.49
CA SER A 16 6.51 -5.82 4.30
C SER A 16 6.81 -5.10 5.62
N LEU A 17 6.00 -4.18 6.04
CA LEU A 17 6.34 -3.51 7.33
C LEU A 17 5.34 -3.77 8.45
N GLY A 18 4.07 -3.89 8.17
CA GLY A 18 3.11 -4.16 9.27
C GLY A 18 1.75 -3.61 8.89
N ASN A 19 1.73 -2.63 8.03
CA ASN A 19 0.44 -2.03 7.60
C ASN A 19 -0.30 -2.97 6.65
N CYS A 20 0.10 -3.10 5.40
CA CYS A 20 -0.60 -4.00 4.43
C CYS A 20 -2.08 -4.17 4.77
N ARG A 21 -2.83 -3.12 4.53
CA ARG A 21 -4.30 -3.07 4.79
C ARG A 21 -4.68 -2.50 6.15
N THR A 22 -3.72 -2.15 6.94
CA THR A 22 -4.04 -1.60 8.29
C THR A 22 -3.80 -0.08 8.30
N SER A 23 -3.43 0.52 7.21
CA SER A 23 -3.21 1.99 7.24
C SER A 23 -4.14 2.55 6.17
N GLN A 24 -4.56 3.78 6.27
CA GLN A 24 -5.47 4.30 5.21
C GLN A 24 -4.76 4.43 3.87
N LYS A 25 -3.86 5.34 3.72
CA LYS A 25 -3.18 5.45 2.39
C LYS A 25 -2.50 4.12 2.09
N TYR A 26 -1.63 3.67 2.95
CA TYR A 26 -0.93 2.38 2.71
C TYR A 26 -1.88 1.31 2.15
N ARG A 27 -3.05 1.16 2.72
CA ARG A 27 -3.96 0.13 2.17
C ARG A 27 -4.43 0.51 0.77
N ALA A 28 -4.99 1.67 0.59
CA ALA A 28 -5.45 2.08 -0.76
C ALA A 28 -4.24 2.60 -1.53
N ASN A 29 -3.71 3.71 -1.11
CA ASN A 29 -2.52 4.33 -1.76
C ASN A 29 -1.39 3.32 -1.95
N CYS A 30 -1.41 2.20 -1.29
CA CYS A 30 -0.31 1.23 -1.49
C CYS A 30 -0.94 -0.16 -1.51
N ALA A 31 -1.99 -0.22 -2.29
CA ALA A 31 -2.80 -1.45 -2.50
C ALA A 31 -2.13 -2.38 -3.52
N LYS A 32 -1.02 -1.98 -4.08
CA LYS A 32 -0.30 -2.82 -5.08
C LYS A 32 0.62 -3.77 -4.32
N THR A 33 1.20 -3.18 -3.32
CA THR A 33 2.15 -3.83 -2.39
C THR A 33 1.41 -4.78 -1.45
N CYS A 34 0.21 -4.41 -1.10
CA CYS A 34 -0.61 -5.27 -0.21
C CYS A 34 -1.65 -6.01 -1.03
N GLU A 35 -1.82 -5.62 -2.28
CA GLU A 35 -2.81 -6.27 -3.17
C GLU A 35 -4.24 -5.93 -2.74
N LEU A 36 -4.33 -4.77 -2.15
CA LEU A 36 -5.62 -4.23 -1.67
C LEU A 36 -6.30 -3.57 -2.86
N CYS A 37 -5.67 -3.54 -4.00
CA CYS A 37 -6.32 -2.88 -5.18
C CYS A 37 -7.05 -3.95 -6.01
N VAL A 1 -9.62 4.43 -10.61
CA VAL A 1 -8.84 3.17 -10.52
C VAL A 1 -7.98 3.20 -9.24
N CYS A 2 -7.52 2.07 -8.79
CA CYS A 2 -6.69 2.06 -7.55
C CYS A 2 -5.27 1.59 -7.91
N ARG A 3 -4.33 1.73 -7.00
CA ARG A 3 -2.93 1.30 -7.29
C ARG A 3 -1.98 2.04 -6.35
N ASP A 4 -0.72 1.67 -6.33
CA ASP A 4 0.22 2.38 -5.41
C ASP A 4 0.07 3.88 -5.65
N TRP A 5 0.59 4.71 -4.78
CA TRP A 5 0.44 6.18 -5.01
C TRP A 5 1.69 6.93 -4.54
N PHE A 6 2.54 6.36 -3.72
CA PHE A 6 3.72 7.14 -3.31
C PHE A 6 4.71 6.85 -4.43
N LYS A 7 5.96 6.62 -4.16
CA LYS A 7 6.86 6.33 -5.31
C LYS A 7 6.84 4.81 -5.59
N GLU A 8 5.71 4.17 -5.44
CA GLU A 8 5.58 2.70 -5.68
C GLU A 8 6.33 1.83 -4.66
N THR A 9 7.33 2.33 -3.98
CA THR A 9 8.04 1.49 -3.00
C THR A 9 7.55 1.85 -1.60
N ALA A 10 7.18 3.09 -1.39
CA ALA A 10 6.67 3.50 -0.05
C ALA A 10 5.62 2.46 0.25
N CYS A 11 4.89 2.16 -0.79
CA CYS A 11 3.80 1.15 -0.70
C CYS A 11 4.43 -0.16 -0.22
N ARG A 12 5.16 -0.84 -1.07
CA ARG A 12 5.81 -2.13 -0.72
C ARG A 12 6.25 -2.12 0.75
N HIS A 13 6.60 -0.98 1.27
CA HIS A 13 7.03 -0.93 2.69
C HIS A 13 5.85 -1.45 3.51
N ALA A 14 4.77 -0.72 3.42
CA ALA A 14 3.54 -1.09 4.17
C ALA A 14 3.20 -2.59 4.11
N LYS A 15 2.98 -3.22 2.98
CA LYS A 15 2.67 -4.67 3.02
C LYS A 15 3.77 -5.43 3.75
N SER A 16 5.04 -5.17 3.49
CA SER A 16 6.11 -5.93 4.21
C SER A 16 6.55 -5.26 5.52
N LEU A 17 5.83 -4.30 6.02
CA LEU A 17 6.29 -3.67 7.29
C LEU A 17 5.34 -3.85 8.47
N GLY A 18 4.05 -3.84 8.26
CA GLY A 18 3.11 -4.03 9.40
C GLY A 18 1.79 -3.34 9.09
N ASN A 19 1.82 -2.38 8.21
CA ASN A 19 0.59 -1.65 7.84
C ASN A 19 -0.30 -2.49 6.92
N CYS A 20 -0.03 -2.61 5.64
CA CYS A 20 -0.89 -3.42 4.72
C CYS A 20 -2.36 -3.38 5.14
N ARG A 21 -2.81 -2.31 5.74
CA ARG A 21 -4.23 -2.19 6.18
C ARG A 21 -4.37 -1.24 7.39
N THR A 22 -3.35 -1.01 8.16
CA THR A 22 -3.48 -0.10 9.33
C THR A 22 -3.17 1.33 8.91
N SER A 23 -2.84 1.53 7.65
CA SER A 23 -2.53 2.91 7.19
C SER A 23 -3.38 3.06 5.93
N GLN A 24 -4.36 3.92 5.96
CA GLN A 24 -5.25 4.14 4.78
C GLN A 24 -4.49 4.33 3.46
N LYS A 25 -3.32 4.89 3.47
CA LYS A 25 -2.60 5.07 2.18
C LYS A 25 -1.84 3.79 1.85
N TYR A 26 -1.21 3.27 2.87
CA TYR A 26 -0.41 2.02 2.79
C TYR A 26 -1.28 0.81 2.42
N ARG A 27 -2.56 0.95 2.61
CA ARG A 27 -3.47 -0.19 2.27
C ARG A 27 -4.26 0.21 1.02
N ALA A 28 -4.77 1.41 1.01
CA ALA A 28 -5.56 1.89 -0.15
C ALA A 28 -4.58 2.52 -1.15
N ASN A 29 -3.78 3.46 -0.71
CA ASN A 29 -2.84 4.07 -1.68
C ASN A 29 -1.73 3.09 -2.06
N CYS A 30 -1.67 1.99 -1.38
CA CYS A 30 -0.61 0.98 -1.70
C CYS A 30 -1.27 -0.38 -1.80
N ALA A 31 -2.33 -0.39 -2.56
CA ALA A 31 -3.12 -1.62 -2.81
C ALA A 31 -2.36 -2.57 -3.75
N LYS A 32 -1.25 -2.13 -4.29
CA LYS A 32 -0.46 -3.00 -5.22
C LYS A 32 0.50 -3.83 -4.36
N THR A 33 0.93 -3.20 -3.31
CA THR A 33 1.87 -3.80 -2.33
C THR A 33 1.12 -4.64 -1.30
N CYS A 34 -0.06 -4.23 -0.96
CA CYS A 34 -0.87 -4.99 0.03
C CYS A 34 -1.84 -5.92 -0.70
N GLU A 35 -2.01 -5.70 -1.98
CA GLU A 35 -2.93 -6.54 -2.79
C GLU A 35 -4.37 -6.26 -2.38
N LEU A 36 -4.55 -5.02 -2.00
CA LEU A 36 -5.87 -4.48 -1.57
C LEU A 36 -6.50 -3.92 -2.84
N CYS A 37 -5.76 -3.85 -3.93
CA CYS A 37 -6.38 -3.30 -5.17
C CYS A 37 -5.33 -3.24 -6.29
N VAL A 1 -9.72 4.16 -11.01
CA VAL A 1 -8.39 3.50 -11.20
C VAL A 1 -7.78 3.17 -9.84
N CYS A 2 -7.17 2.03 -9.70
CA CYS A 2 -6.55 1.68 -8.39
C CYS A 2 -5.09 1.29 -8.63
N ARG A 3 -4.21 1.39 -7.66
CA ARG A 3 -2.78 1.03 -7.85
C ARG A 3 -1.94 1.80 -6.84
N ASP A 4 -0.67 1.49 -6.73
CA ASP A 4 0.18 2.22 -5.74
C ASP A 4 0.00 3.72 -6.00
N TRP A 5 0.51 4.57 -5.16
CA TRP A 5 0.32 6.03 -5.43
C TRP A 5 1.55 6.81 -4.98
N PHE A 6 2.35 6.32 -4.07
CA PHE A 6 3.52 7.14 -3.69
C PHE A 6 4.60 6.74 -4.70
N LYS A 7 5.83 6.60 -4.30
CA LYS A 7 6.83 6.22 -5.33
C LYS A 7 6.87 4.70 -5.53
N GLU A 8 5.77 4.02 -5.37
CA GLU A 8 5.71 2.53 -5.54
C GLU A 8 6.46 1.77 -4.45
N THR A 9 7.42 2.34 -3.77
CA THR A 9 8.13 1.58 -2.71
C THR A 9 7.51 1.98 -1.38
N ALA A 10 7.03 3.19 -1.27
CA ALA A 10 6.39 3.63 0.01
C ALA A 10 5.40 2.50 0.30
N CYS A 11 4.82 2.03 -0.77
CA CYS A 11 3.82 0.93 -0.74
C CYS A 11 4.47 -0.32 -0.15
N ARG A 12 5.44 -0.88 -0.83
CA ARG A 12 6.14 -2.10 -0.35
C ARG A 12 6.54 -1.94 1.11
N HIS A 13 6.68 -0.73 1.58
CA HIS A 13 7.05 -0.59 3.01
C HIS A 13 5.86 -1.22 3.71
N ALA A 14 4.73 -0.59 3.57
CA ALA A 14 3.47 -1.09 4.20
C ALA A 14 3.25 -2.58 3.94
N LYS A 15 3.69 -3.13 2.83
CA LYS A 15 3.45 -4.58 2.62
C LYS A 15 4.41 -5.42 3.48
N SER A 16 5.62 -5.00 3.76
CA SER A 16 6.48 -5.89 4.61
C SER A 16 6.51 -5.50 6.10
N LEU A 17 6.08 -4.33 6.48
CA LEU A 17 6.14 -4.00 7.94
C LEU A 17 4.84 -4.52 8.55
N GLY A 18 3.76 -4.05 7.99
CA GLY A 18 2.43 -4.47 8.49
C GLY A 18 1.36 -3.44 8.13
N ASN A 19 1.69 -2.19 7.96
CA ASN A 19 0.65 -1.19 7.62
C ASN A 19 -0.22 -1.57 6.43
N CYS A 20 0.10 -2.59 5.67
CA CYS A 20 -0.72 -2.98 4.49
C CYS A 20 -2.21 -2.72 4.75
N ARG A 21 -2.66 -2.88 5.95
CA ARG A 21 -4.10 -2.63 6.24
C ARG A 21 -4.35 -1.77 7.48
N THR A 22 -3.33 -1.29 8.12
CA THR A 22 -3.52 -0.46 9.33
C THR A 22 -3.23 1.01 9.01
N SER A 23 -2.94 1.31 7.77
CA SER A 23 -2.66 2.72 7.41
C SER A 23 -3.69 3.06 6.33
N GLN A 24 -4.19 4.25 6.29
CA GLN A 24 -5.21 4.56 5.23
C GLN A 24 -4.60 4.61 3.83
N LYS A 25 -3.81 5.59 3.46
CA LYS A 25 -3.26 5.55 2.09
C LYS A 25 -2.59 4.18 1.91
N TYR A 26 -1.53 4.01 2.64
CA TYR A 26 -0.73 2.76 2.64
C TYR A 26 -1.56 1.52 2.24
N ARG A 27 -2.65 1.28 2.90
CA ARG A 27 -3.50 0.09 2.56
C ARG A 27 -4.18 0.32 1.20
N ALA A 28 -4.73 1.48 1.02
CA ALA A 28 -5.43 1.82 -0.25
C ALA A 28 -4.42 2.37 -1.26
N ASN A 29 -3.96 3.58 -1.08
CA ASN A 29 -2.97 4.15 -2.05
C ASN A 29 -1.96 3.10 -2.46
N CYS A 30 -1.43 2.40 -1.50
CA CYS A 30 -0.41 1.35 -1.82
C CYS A 30 -1.06 -0.04 -1.74
N ALA A 31 -1.97 -0.27 -2.64
CA ALA A 31 -2.69 -1.56 -2.70
C ALA A 31 -1.99 -2.48 -3.70
N LYS A 32 -0.94 -2.02 -4.33
CA LYS A 32 -0.20 -2.86 -5.32
C LYS A 32 0.82 -3.68 -4.54
N THR A 33 1.22 -3.17 -3.42
CA THR A 33 2.21 -3.82 -2.53
C THR A 33 1.49 -4.82 -1.63
N CYS A 34 0.22 -4.60 -1.43
CA CYS A 34 -0.57 -5.52 -0.57
C CYS A 34 -1.72 -6.12 -1.36
N GLU A 35 -1.87 -5.76 -2.60
CA GLU A 35 -2.99 -6.32 -3.40
C GLU A 35 -4.32 -5.96 -2.74
N LEU A 36 -4.31 -4.79 -2.17
CA LEU A 36 -5.52 -4.26 -1.49
C LEU A 36 -6.34 -3.61 -2.60
N CYS A 37 -5.75 -3.40 -3.74
CA CYS A 37 -6.53 -2.76 -4.84
C CYS A 37 -7.77 -3.62 -5.15
N VAL A 1 -9.81 3.67 -10.69
CA VAL A 1 -9.26 2.32 -10.40
C VAL A 1 -8.37 2.39 -9.16
N CYS A 2 -8.15 1.29 -8.51
CA CYS A 2 -7.28 1.29 -7.30
C CYS A 2 -5.82 1.14 -7.72
N ARG A 3 -4.90 1.25 -6.78
CA ARG A 3 -3.46 1.12 -7.11
C ARG A 3 -2.64 1.83 -6.03
N ASP A 4 -1.37 1.99 -6.23
CA ASP A 4 -0.53 2.66 -5.21
C ASP A 4 -0.70 4.17 -5.36
N TRP A 5 0.05 4.95 -4.65
CA TRP A 5 -0.10 6.42 -4.79
C TRP A 5 1.24 7.09 -4.43
N PHE A 6 1.99 6.56 -3.49
CA PHE A 6 3.27 7.21 -3.16
C PHE A 6 4.23 6.60 -4.17
N LYS A 7 5.44 6.25 -3.80
CA LYS A 7 6.35 5.64 -4.81
C LYS A 7 6.00 4.16 -4.78
N GLU A 8 6.06 3.46 -5.88
CA GLU A 8 5.73 2.01 -5.83
C GLU A 8 6.47 1.32 -4.69
N THR A 9 7.53 1.90 -4.19
CA THR A 9 8.27 1.25 -3.08
C THR A 9 7.68 1.69 -1.75
N ALA A 10 7.24 2.92 -1.64
CA ALA A 10 6.64 3.38 -0.35
C ALA A 10 5.63 2.29 -0.02
N CYS A 11 5.01 1.82 -1.07
CA CYS A 11 3.99 0.75 -0.95
C CYS A 11 4.66 -0.49 -0.39
N ARG A 12 5.56 -1.11 -1.11
CA ARG A 12 6.26 -2.33 -0.61
C ARG A 12 6.54 -2.18 0.88
N HIS A 13 6.74 -0.97 1.33
CA HIS A 13 7.00 -0.82 2.78
C HIS A 13 5.72 -1.30 3.44
N ALA A 14 4.63 -0.62 3.19
CA ALA A 14 3.32 -1.01 3.79
C ALA A 14 3.07 -2.53 3.80
N LYS A 15 3.27 -3.23 2.72
CA LYS A 15 3.03 -4.69 2.74
C LYS A 15 4.02 -5.36 3.69
N SER A 16 5.32 -5.11 3.59
CA SER A 16 6.26 -5.79 4.53
C SER A 16 6.44 -4.94 5.80
N LEU A 17 5.60 -3.97 5.97
CA LEU A 17 5.65 -3.07 7.15
C LEU A 17 4.89 -3.60 8.35
N GLY A 18 3.61 -3.72 8.13
CA GLY A 18 2.72 -4.20 9.20
C GLY A 18 1.36 -3.54 8.93
N ASN A 19 1.37 -2.44 8.21
CA ASN A 19 0.09 -1.76 7.91
C ASN A 19 -0.69 -2.63 6.92
N CYS A 20 -0.34 -2.62 5.65
CA CYS A 20 -1.06 -3.44 4.63
C CYS A 20 -2.55 -3.56 4.98
N ARG A 21 -3.10 -2.55 5.58
CA ARG A 21 -4.53 -2.50 6.00
C ARG A 21 -4.75 -1.66 7.26
N THR A 22 -3.74 -1.37 8.04
CA THR A 22 -3.97 -0.56 9.27
C THR A 22 -3.74 0.91 8.93
N SER A 23 -3.05 1.17 7.86
CA SER A 23 -2.80 2.57 7.45
C SER A 23 -3.70 2.79 6.24
N GLN A 24 -4.54 3.78 6.23
CA GLN A 24 -5.40 3.92 5.02
C GLN A 24 -4.57 4.34 3.81
N LYS A 25 -3.62 5.21 3.96
CA LYS A 25 -2.82 5.60 2.78
C LYS A 25 -1.70 4.61 2.47
N TYR A 26 -1.73 3.50 3.13
CA TYR A 26 -0.70 2.46 2.90
C TYR A 26 -1.43 1.33 2.18
N ARG A 27 -2.35 0.80 2.93
CA ARG A 27 -3.19 -0.32 2.43
C ARG A 27 -3.88 0.14 1.14
N ALA A 28 -4.49 1.30 1.17
CA ALA A 28 -5.17 1.81 -0.04
C ALA A 28 -4.23 2.64 -0.92
N ASN A 29 -3.47 3.55 -0.38
CA ASN A 29 -2.56 4.33 -1.26
C ASN A 29 -1.43 3.45 -1.76
N CYS A 30 -1.35 2.24 -1.30
CA CYS A 30 -0.27 1.33 -1.74
C CYS A 30 -0.85 -0.08 -1.79
N ALA A 31 -2.00 -0.12 -2.40
CA ALA A 31 -2.80 -1.38 -2.59
C ALA A 31 -2.14 -2.30 -3.61
N LYS A 32 -1.01 -1.92 -4.15
CA LYS A 32 -0.29 -2.77 -5.15
C LYS A 32 0.64 -3.73 -4.42
N THR A 33 1.15 -3.23 -3.35
CA THR A 33 2.09 -3.95 -2.45
C THR A 33 1.31 -4.82 -1.45
N CYS A 34 0.18 -4.33 -1.05
CA CYS A 34 -0.68 -5.07 -0.09
C CYS A 34 -1.69 -5.90 -0.89
N GLU A 35 -1.85 -5.58 -2.15
CA GLU A 35 -2.79 -6.31 -3.04
C GLU A 35 -4.24 -5.97 -2.66
N LEU A 36 -4.36 -4.75 -2.21
CA LEU A 36 -5.66 -4.20 -1.79
C LEU A 36 -6.30 -3.58 -3.04
N CYS A 37 -5.60 -3.57 -4.15
CA CYS A 37 -6.21 -2.97 -5.37
C CYS A 37 -7.04 -4.03 -6.10
N VAL A 1 -10.69 5.34 -8.35
CA VAL A 1 -9.67 4.35 -8.78
C VAL A 1 -8.55 4.27 -7.73
N CYS A 2 -8.32 3.13 -7.16
CA CYS A 2 -7.24 3.01 -6.14
C CYS A 2 -6.04 2.27 -6.75
N ARG A 3 -4.94 2.21 -6.05
CA ARG A 3 -3.72 1.52 -6.56
C ARG A 3 -2.51 2.17 -5.89
N ASP A 4 -1.32 1.71 -6.15
CA ASP A 4 -0.15 2.35 -5.51
C ASP A 4 -0.28 3.85 -5.74
N TRP A 5 0.26 4.68 -4.90
CA TRP A 5 0.13 6.14 -5.17
C TRP A 5 1.41 6.85 -4.74
N PHE A 6 2.12 6.37 -3.73
CA PHE A 6 3.35 7.10 -3.38
C PHE A 6 4.37 6.47 -4.32
N LYS A 7 5.59 6.29 -3.93
CA LYS A 7 6.53 5.67 -4.89
C LYS A 7 6.08 4.20 -4.85
N GLU A 8 6.20 3.44 -5.90
CA GLU A 8 5.74 2.03 -5.79
C GLU A 8 6.40 1.36 -4.57
N THR A 9 7.47 1.93 -4.08
CA THR A 9 8.13 1.30 -2.91
C THR A 9 7.56 1.87 -1.60
N ALA A 10 7.09 3.09 -1.58
CA ALA A 10 6.53 3.64 -0.31
C ALA A 10 5.52 2.57 0.12
N CYS A 11 4.85 2.09 -0.90
CA CYS A 11 3.82 1.03 -0.75
C CYS A 11 4.48 -0.24 -0.22
N ARG A 12 5.38 -0.82 -0.95
CA ARG A 12 6.07 -2.07 -0.50
C ARG A 12 6.47 -1.98 0.97
N HIS A 13 6.77 -0.80 1.45
CA HIS A 13 7.15 -0.72 2.89
C HIS A 13 5.88 -1.17 3.60
N ALA A 14 4.80 -0.46 3.37
CA ALA A 14 3.51 -0.82 4.02
C ALA A 14 3.13 -2.27 3.67
N LYS A 15 3.78 -2.94 2.76
CA LYS A 15 3.35 -4.34 2.49
C LYS A 15 4.03 -5.31 3.47
N SER A 16 5.34 -5.36 3.55
CA SER A 16 5.97 -6.32 4.50
C SER A 16 6.28 -5.63 5.83
N LEU A 17 5.73 -4.47 6.01
CA LEU A 17 5.96 -3.69 7.27
C LEU A 17 4.98 -4.04 8.38
N GLY A 18 3.74 -3.76 8.08
CA GLY A 18 2.67 -4.02 9.07
C GLY A 18 1.52 -3.06 8.74
N ASN A 19 1.85 -1.88 8.28
CA ASN A 19 0.81 -0.88 7.95
C ASN A 19 -0.04 -1.31 6.76
N CYS A 20 0.46 -2.20 5.94
CA CYS A 20 -0.29 -2.68 4.74
C CYS A 20 -1.80 -2.52 4.92
N ARG A 21 -2.31 -2.83 6.07
CA ARG A 21 -3.77 -2.68 6.29
C ARG A 21 -4.12 -1.79 7.50
N THR A 22 -3.18 -1.42 8.32
CA THR A 22 -3.50 -0.56 9.49
C THR A 22 -3.26 0.91 9.15
N SER A 23 -2.82 1.20 7.95
CA SER A 23 -2.58 2.61 7.57
C SER A 23 -3.52 2.86 6.39
N GLN A 24 -4.14 4.00 6.31
CA GLN A 24 -5.08 4.26 5.18
C GLN A 24 -4.37 4.41 3.83
N LYS A 25 -3.72 5.50 3.54
CA LYS A 25 -3.06 5.60 2.21
C LYS A 25 -2.24 4.33 1.99
N TYR A 26 -1.47 4.00 2.97
CA TYR A 26 -0.60 2.79 2.95
C TYR A 26 -1.35 1.51 2.56
N ARG A 27 -2.58 1.32 2.95
CA ARG A 27 -3.29 0.07 2.56
C ARG A 27 -3.94 0.27 1.19
N ALA A 28 -4.71 1.30 1.04
CA ALA A 28 -5.38 1.57 -0.27
C ALA A 28 -4.42 2.33 -1.19
N ASN A 29 -3.92 3.48 -0.80
CA ASN A 29 -2.99 4.18 -1.72
C ASN A 29 -1.85 3.27 -2.15
N CYS A 30 -1.51 2.31 -1.34
CA CYS A 30 -0.41 1.38 -1.68
C CYS A 30 -0.97 -0.04 -1.66
N ALA A 31 -2.08 -0.18 -2.34
CA ALA A 31 -2.80 -1.47 -2.46
C ALA A 31 -2.13 -2.36 -3.51
N LYS A 32 -1.12 -1.86 -4.18
CA LYS A 32 -0.41 -2.66 -5.21
C LYS A 32 0.69 -3.47 -4.52
N THR A 33 1.10 -2.99 -3.38
CA THR A 33 2.15 -3.65 -2.57
C THR A 33 1.51 -4.68 -1.64
N CYS A 34 0.28 -4.44 -1.28
CA CYS A 34 -0.41 -5.39 -0.38
C CYS A 34 -1.56 -6.07 -1.12
N GLU A 35 -1.79 -5.68 -2.35
CA GLU A 35 -2.89 -6.30 -3.14
C GLU A 35 -4.24 -5.97 -2.51
N LEU A 36 -4.30 -4.79 -1.97
CA LEU A 36 -5.53 -4.29 -1.32
C LEU A 36 -6.38 -3.70 -2.46
N CYS A 37 -5.83 -3.56 -3.63
CA CYS A 37 -6.63 -2.99 -4.75
C CYS A 37 -5.76 -2.90 -6.02
N VAL A 1 -9.59 3.88 -10.65
CA VAL A 1 -8.92 2.58 -10.31
C VAL A 1 -7.97 2.78 -9.14
N CYS A 2 -7.81 1.79 -8.31
CA CYS A 2 -6.88 1.93 -7.16
C CYS A 2 -5.48 1.49 -7.58
N ARG A 3 -4.45 1.80 -6.83
CA ARG A 3 -3.08 1.38 -7.22
C ARG A 3 -2.08 2.10 -6.32
N ASP A 4 -0.84 1.70 -6.32
CA ASP A 4 0.15 2.38 -5.44
C ASP A 4 -0.01 3.89 -5.66
N TRP A 5 0.49 4.71 -4.78
CA TRP A 5 0.32 6.17 -5.02
C TRP A 5 1.60 6.91 -4.63
N PHE A 6 2.43 6.38 -3.77
CA PHE A 6 3.65 7.14 -3.42
C PHE A 6 4.66 6.76 -4.51
N LYS A 7 5.91 6.57 -4.18
CA LYS A 7 6.84 6.20 -5.28
C LYS A 7 6.82 4.69 -5.56
N GLU A 8 5.70 4.04 -5.37
CA GLU A 8 5.58 2.57 -5.59
C GLU A 8 6.35 1.71 -4.58
N THR A 9 7.38 2.20 -3.96
CA THR A 9 8.12 1.38 -2.98
C THR A 9 7.59 1.73 -1.59
N ALA A 10 7.19 2.97 -1.42
CA ALA A 10 6.65 3.40 -0.09
C ALA A 10 5.60 2.32 0.21
N CYS A 11 4.93 1.95 -0.84
CA CYS A 11 3.87 0.91 -0.78
C CYS A 11 4.52 -0.36 -0.25
N ARG A 12 5.43 -0.93 -0.99
CA ARG A 12 6.13 -2.18 -0.55
C ARG A 12 6.49 -2.05 0.92
N HIS A 13 6.65 -0.85 1.40
CA HIS A 13 7.00 -0.74 2.84
C HIS A 13 5.77 -1.34 3.50
N ALA A 14 4.70 -0.61 3.49
CA ALA A 14 3.43 -1.10 4.11
C ALA A 14 3.24 -2.61 3.95
N LYS A 15 3.48 -3.16 2.78
CA LYS A 15 3.30 -4.62 2.59
C LYS A 15 4.18 -5.36 3.59
N SER A 16 5.45 -5.08 3.72
CA SER A 16 6.25 -5.85 4.71
C SER A 16 6.40 -5.20 6.10
N LEU A 17 5.86 -4.04 6.37
CA LEU A 17 6.06 -3.50 7.74
C LEU A 17 4.76 -3.75 8.49
N GLY A 18 3.68 -3.30 7.91
CA GLY A 18 2.39 -3.52 8.60
C GLY A 18 1.30 -2.62 8.00
N ASN A 19 1.59 -1.36 7.86
CA ASN A 19 0.58 -0.42 7.29
C ASN A 19 -0.21 -0.99 6.11
N CYS A 20 0.27 -2.01 5.44
CA CYS A 20 -0.48 -2.59 4.27
C CYS A 20 -1.98 -2.52 4.52
N ARG A 21 -2.41 -2.76 5.72
CA ARG A 21 -3.87 -2.71 6.01
C ARG A 21 -4.21 -1.88 7.25
N THR A 22 -3.25 -1.24 7.85
CA THR A 22 -3.52 -0.42 9.06
C THR A 22 -3.51 1.07 8.71
N SER A 23 -3.08 1.44 7.52
CA SER A 23 -3.07 2.88 7.18
C SER A 23 -4.00 3.06 5.98
N GLN A 24 -4.67 4.16 5.84
CA GLN A 24 -5.58 4.30 4.67
C GLN A 24 -4.78 4.64 3.41
N LYS A 25 -3.77 5.47 3.48
CA LYS A 25 -2.98 5.81 2.27
C LYS A 25 -1.70 4.96 2.23
N TYR A 26 -1.95 3.73 2.52
CA TYR A 26 -0.96 2.62 2.59
C TYR A 26 -1.70 1.42 2.02
N ARG A 27 -2.76 1.06 2.70
CA ARG A 27 -3.59 -0.09 2.29
C ARG A 27 -4.36 0.39 1.05
N ALA A 28 -4.72 1.66 1.07
CA ALA A 28 -5.46 2.24 -0.07
C ALA A 28 -4.49 2.96 -1.01
N ASN A 29 -3.60 3.79 -0.52
CA ASN A 29 -2.69 4.44 -1.50
C ASN A 29 -1.67 3.43 -1.99
N CYS A 30 -1.42 2.42 -1.19
CA CYS A 30 -0.43 1.39 -1.60
C CYS A 30 -1.07 0.01 -1.52
N ALA A 31 -1.98 -0.23 -2.43
CA ALA A 31 -2.72 -1.53 -2.51
C ALA A 31 -2.06 -2.42 -3.57
N LYS A 32 -1.04 -1.94 -4.22
CA LYS A 32 -0.35 -2.75 -5.26
C LYS A 32 0.72 -3.61 -4.57
N THR A 33 1.16 -3.12 -3.43
CA THR A 33 2.19 -3.80 -2.61
C THR A 33 1.52 -4.81 -1.68
N CYS A 34 0.26 -4.64 -1.43
CA CYS A 34 -0.45 -5.59 -0.54
C CYS A 34 -1.60 -6.27 -1.28
N GLU A 35 -1.77 -5.96 -2.54
CA GLU A 35 -2.87 -6.58 -3.33
C GLU A 35 -4.23 -6.23 -2.75
N LEU A 36 -4.29 -5.04 -2.22
CA LEU A 36 -5.53 -4.51 -1.61
C LEU A 36 -6.33 -3.91 -2.77
N CYS A 37 -5.76 -3.82 -3.94
CA CYS A 37 -6.53 -3.24 -5.08
C CYS A 37 -7.60 -4.23 -5.52
N VAL A 1 -10.65 2.27 -10.42
CA VAL A 1 -9.18 2.33 -10.60
C VAL A 1 -8.48 2.01 -9.27
N CYS A 2 -7.60 1.05 -9.26
CA CYS A 2 -6.90 0.71 -7.98
C CYS A 2 -5.39 0.79 -8.21
N ARG A 3 -4.60 0.88 -7.17
CA ARG A 3 -3.12 0.95 -7.33
C ARG A 3 -2.52 1.63 -6.09
N ASP A 4 -1.25 1.94 -6.13
CA ASP A 4 -0.60 2.61 -4.97
C ASP A 4 -0.85 4.12 -5.04
N TRP A 5 -0.06 4.91 -4.36
CA TRP A 5 -0.29 6.38 -4.43
C TRP A 5 1.06 7.07 -4.20
N PHE A 6 1.89 6.58 -3.30
CA PHE A 6 3.19 7.24 -3.08
C PHE A 6 4.12 6.61 -4.13
N LYS A 7 5.34 6.30 -3.80
CA LYS A 7 6.23 5.68 -4.82
C LYS A 7 5.92 4.18 -4.74
N GLU A 8 6.07 3.44 -5.80
CA GLU A 8 5.77 1.98 -5.72
C GLU A 8 6.56 1.33 -4.59
N THR A 9 7.58 1.97 -4.11
CA THR A 9 8.39 1.38 -3.01
C THR A 9 7.84 1.83 -1.66
N ALA A 10 7.31 3.02 -1.58
CA ALA A 10 6.75 3.47 -0.28
C ALA A 10 5.80 2.34 0.12
N CYS A 11 5.22 1.74 -0.87
CA CYS A 11 4.26 0.63 -0.67
C CYS A 11 5.04 -0.65 -0.33
N ARG A 12 6.17 -0.88 -0.92
CA ARG A 12 6.89 -2.13 -0.55
C ARG A 12 6.97 -2.06 0.98
N HIS A 13 6.96 -0.87 1.51
CA HIS A 13 7.02 -0.69 2.98
C HIS A 13 5.63 -1.04 3.54
N ALA A 14 4.59 -0.45 3.02
CA ALA A 14 3.24 -0.81 3.57
C ALA A 14 3.05 -2.32 3.60
N LYS A 15 3.08 -3.00 2.49
CA LYS A 15 2.89 -4.48 2.56
C LYS A 15 3.98 -5.04 3.47
N SER A 16 5.21 -4.55 3.42
CA SER A 16 6.30 -5.09 4.30
C SER A 16 6.42 -4.39 5.66
N LEU A 17 5.49 -3.58 6.09
CA LEU A 17 5.67 -2.92 7.41
C LEU A 17 4.63 -3.39 8.43
N GLY A 18 3.41 -3.58 7.99
CA GLY A 18 2.35 -4.03 8.92
C GLY A 18 1.04 -3.31 8.59
N ASN A 19 1.05 -2.39 7.66
CA ASN A 19 -0.22 -1.70 7.36
C ASN A 19 -1.06 -2.48 6.35
N CYS A 20 -0.87 -2.32 5.05
CA CYS A 20 -1.70 -3.09 4.07
C CYS A 20 -3.16 -3.17 4.52
N ARG A 21 -3.60 -2.20 5.30
CA ARG A 21 -5.00 -2.16 5.81
C ARG A 21 -5.11 -1.42 7.15
N THR A 22 -4.04 -1.26 7.88
CA THR A 22 -4.13 -0.55 9.19
C THR A 22 -3.81 0.92 9.00
N SER A 23 -3.24 1.28 7.88
CA SER A 23 -2.93 2.72 7.67
C SER A 23 -3.84 3.06 6.50
N GLN A 24 -4.75 3.98 6.62
CA GLN A 24 -5.62 4.26 5.45
C GLN A 24 -4.80 4.70 4.24
N LYS A 25 -3.77 5.49 4.42
CA LYS A 25 -2.99 5.90 3.22
C LYS A 25 -1.89 4.90 2.85
N TYR A 26 -2.00 3.73 3.38
CA TYR A 26 -1.01 2.64 3.12
C TYR A 26 -1.73 1.52 2.36
N ARG A 27 -2.80 1.06 2.93
CA ARG A 27 -3.63 -0.04 2.36
C ARG A 27 -4.21 0.37 1.01
N ALA A 28 -4.75 1.56 0.90
CA ALA A 28 -5.34 2.02 -0.39
C ALA A 28 -4.32 2.80 -1.24
N ASN A 29 -3.11 2.88 -0.75
CA ASN A 29 -2.02 3.60 -1.44
C ASN A 29 -0.85 2.67 -1.78
N CYS A 30 -0.92 1.47 -1.27
CA CYS A 30 0.13 0.44 -1.49
C CYS A 30 -0.65 -0.86 -1.71
N ALA A 31 -1.78 -0.69 -2.34
CA ALA A 31 -2.69 -1.81 -2.65
C ALA A 31 -2.08 -2.67 -3.77
N LYS A 32 -0.96 -2.25 -4.30
CA LYS A 32 -0.26 -2.99 -5.38
C LYS A 32 0.63 -3.99 -4.64
N THR A 33 1.15 -3.51 -3.54
CA THR A 33 2.05 -4.27 -2.63
C THR A 33 1.24 -5.21 -1.75
N CYS A 34 0.01 -4.91 -1.45
CA CYS A 34 -0.75 -5.86 -0.60
C CYS A 34 -1.94 -6.42 -1.35
N GLU A 35 -2.13 -6.02 -2.58
CA GLU A 35 -3.27 -6.51 -3.38
C GLU A 35 -4.61 -6.02 -2.86
N LEU A 36 -4.53 -4.89 -2.21
CA LEU A 36 -5.72 -4.22 -1.63
C LEU A 36 -6.31 -3.40 -2.78
N CYS A 37 -5.60 -3.26 -3.87
CA CYS A 37 -6.17 -2.47 -5.00
C CYS A 37 -7.40 -3.18 -5.55
N VAL A 1 -10.87 5.29 -6.84
CA VAL A 1 -9.42 5.43 -6.55
C VAL A 1 -8.84 4.05 -6.18
N CYS A 2 -8.12 3.44 -7.08
CA CYS A 2 -7.53 2.11 -6.78
C CYS A 2 -6.08 2.09 -7.26
N ARG A 3 -5.19 1.30 -6.68
CA ARG A 3 -3.74 1.21 -7.07
C ARG A 3 -2.93 1.90 -5.97
N ASP A 4 -1.71 2.26 -6.27
CA ASP A 4 -0.88 2.93 -5.23
C ASP A 4 -0.97 4.45 -5.41
N TRP A 5 -0.23 5.23 -4.67
CA TRP A 5 -0.32 6.70 -4.85
C TRP A 5 1.06 7.32 -4.61
N PHE A 6 1.83 6.87 -3.65
CA PHE A 6 3.17 7.49 -3.47
C PHE A 6 4.08 6.72 -4.43
N LYS A 7 5.29 6.44 -4.05
CA LYS A 7 6.15 5.68 -5.01
C LYS A 7 5.76 4.21 -4.77
N GLU A 8 5.84 3.38 -5.76
CA GLU A 8 5.47 1.95 -5.55
C GLU A 8 6.29 1.37 -4.40
N THR A 9 7.36 2.02 -4.03
CA THR A 9 8.20 1.50 -2.91
C THR A 9 7.62 2.01 -1.58
N ALA A 10 7.08 3.20 -1.57
CA ALA A 10 6.50 3.73 -0.31
C ALA A 10 5.60 2.60 0.20
N CYS A 11 5.09 1.84 -0.73
CA CYS A 11 4.20 0.72 -0.37
C CYS A 11 4.99 -0.57 -0.16
N ARG A 12 6.09 -0.81 -0.81
CA ARG A 12 6.79 -2.09 -0.50
C ARG A 12 7.03 -2.02 1.00
N HIS A 13 7.19 -0.83 1.51
CA HIS A 13 7.42 -0.62 2.96
C HIS A 13 6.14 -1.05 3.66
N ALA A 14 5.04 -0.43 3.33
CA ALA A 14 3.75 -0.81 3.98
C ALA A 14 3.49 -2.32 3.84
N LYS A 15 3.24 -2.87 2.69
CA LYS A 15 2.99 -4.34 2.61
C LYS A 15 4.05 -5.09 3.44
N SER A 16 5.31 -4.69 3.42
CA SER A 16 6.32 -5.44 4.23
C SER A 16 6.57 -4.88 5.63
N LEU A 17 5.56 -4.39 6.26
CA LEU A 17 5.75 -3.83 7.63
C LEU A 17 4.50 -4.02 8.48
N GLY A 18 3.35 -3.72 7.95
CA GLY A 18 2.10 -3.89 8.75
C GLY A 18 1.03 -2.92 8.25
N ASN A 19 1.41 -1.81 7.70
CA ASN A 19 0.39 -0.84 7.22
C ASN A 19 -0.40 -1.41 6.04
N CYS A 20 0.07 -2.48 5.45
CA CYS A 20 -0.62 -3.11 4.28
C CYS A 20 -2.11 -2.80 4.29
N ARG A 21 -2.74 -3.09 5.39
CA ARG A 21 -4.21 -2.83 5.50
C ARG A 21 -4.54 -2.18 6.85
N THR A 22 -3.56 -1.69 7.52
CA THR A 22 -3.80 -1.05 8.85
C THR A 22 -3.63 0.47 8.73
N SER A 23 -3.28 0.97 7.58
CA SER A 23 -3.13 2.44 7.49
C SER A 23 -4.20 2.84 6.48
N GLN A 24 -4.78 4.01 6.57
CA GLN A 24 -5.82 4.34 5.56
C GLN A 24 -5.20 4.57 4.18
N LYS A 25 -4.54 5.67 3.96
CA LYS A 25 -3.94 5.90 2.62
C LYS A 25 -3.15 4.63 2.30
N TYR A 26 -2.13 4.40 3.08
CA TYR A 26 -1.26 3.21 2.89
C TYR A 26 -2.03 1.96 2.46
N ARG A 27 -3.13 1.56 3.02
CA ARG A 27 -3.74 0.33 2.47
C ARG A 27 -4.04 0.70 1.03
N ALA A 28 -4.64 1.85 0.85
CA ALA A 28 -4.99 2.34 -0.52
C ALA A 28 -3.72 2.46 -1.36
N ASN A 29 -2.97 3.53 -1.24
CA ASN A 29 -1.71 3.73 -2.03
C ASN A 29 -0.76 2.53 -1.99
N CYS A 30 -0.95 1.61 -1.09
CA CYS A 30 -0.05 0.42 -1.02
C CYS A 30 -0.97 -0.76 -1.23
N ALA A 31 -1.86 -0.57 -2.17
CA ALA A 31 -2.83 -1.63 -2.51
C ALA A 31 -2.23 -2.50 -3.61
N LYS A 32 -1.12 -2.09 -4.15
CA LYS A 32 -0.44 -2.86 -5.23
C LYS A 32 0.45 -3.86 -4.48
N THR A 33 1.01 -3.35 -3.42
CA THR A 33 1.91 -4.11 -2.53
C THR A 33 1.14 -5.13 -1.69
N CYS A 34 -0.04 -4.80 -1.28
CA CYS A 34 -0.82 -5.77 -0.46
C CYS A 34 -1.99 -6.33 -1.28
N GLU A 35 -2.17 -5.82 -2.46
CA GLU A 35 -3.28 -6.31 -3.32
C GLU A 35 -4.66 -5.92 -2.80
N LEU A 36 -4.70 -4.72 -2.28
CA LEU A 36 -5.93 -4.12 -1.72
C LEU A 36 -6.64 -3.51 -2.93
N CYS A 37 -5.96 -3.36 -4.04
CA CYS A 37 -6.63 -2.78 -5.23
C CYS A 37 -7.27 -3.90 -6.05
N VAL A 1 -9.78 4.61 -10.88
CA VAL A 1 -8.84 3.46 -10.96
C VAL A 1 -8.02 3.37 -9.67
N CYS A 2 -7.98 2.22 -9.06
CA CYS A 2 -7.20 2.07 -7.80
C CYS A 2 -5.78 1.63 -8.13
N ARG A 3 -4.89 1.58 -7.17
CA ARG A 3 -3.49 1.17 -7.42
C ARG A 3 -2.64 1.78 -6.29
N ASP A 4 -1.34 1.78 -6.42
CA ASP A 4 -0.52 2.37 -5.34
C ASP A 4 -0.58 3.89 -5.49
N TRP A 5 0.19 4.67 -4.76
CA TRP A 5 0.06 6.14 -4.99
C TRP A 5 1.38 6.82 -4.62
N PHE A 6 2.11 6.37 -3.63
CA PHE A 6 3.37 7.09 -3.33
C PHE A 6 4.36 6.42 -4.28
N LYS A 7 5.60 6.26 -3.90
CA LYS A 7 6.51 5.60 -4.86
C LYS A 7 6.05 4.15 -4.78
N GLU A 8 6.10 3.37 -5.82
CA GLU A 8 5.65 1.96 -5.71
C GLU A 8 6.40 1.28 -4.56
N THR A 9 7.49 1.83 -4.13
CA THR A 9 8.23 1.19 -3.01
C THR A 9 7.73 1.75 -1.67
N ALA A 10 7.30 2.98 -1.63
CA ALA A 10 6.79 3.56 -0.35
C ALA A 10 5.84 2.48 0.16
N CYS A 11 5.12 1.99 -0.78
CA CYS A 11 4.13 0.92 -0.53
C CYS A 11 4.87 -0.29 0.04
N ARG A 12 5.74 -0.91 -0.71
CA ARG A 12 6.47 -2.09 -0.16
C ARG A 12 6.92 -1.87 1.29
N HIS A 13 7.19 -0.67 1.68
CA HIS A 13 7.62 -0.46 3.10
C HIS A 13 6.43 -0.88 3.95
N ALA A 14 5.30 -0.30 3.65
CA ALA A 14 4.04 -0.61 4.39
C ALA A 14 3.58 -2.06 4.20
N LYS A 15 3.25 -2.46 3.00
CA LYS A 15 2.79 -3.84 2.72
C LYS A 15 3.85 -4.83 3.23
N SER A 16 5.10 -4.44 3.40
CA SER A 16 6.11 -5.41 3.90
C SER A 16 6.36 -5.23 5.40
N LEU A 17 5.96 -4.12 5.97
CA LEU A 17 6.18 -3.90 7.43
C LEU A 17 5.04 -4.40 8.31
N GLY A 18 3.85 -4.09 7.91
CA GLY A 18 2.63 -4.49 8.67
C GLY A 18 1.46 -3.55 8.43
N ASN A 19 1.61 -2.50 7.64
CA ASN A 19 0.49 -1.57 7.39
C ASN A 19 -0.28 -2.02 6.15
N CYS A 20 -0.31 -3.29 5.91
CA CYS A 20 -1.05 -3.84 4.72
C CYS A 20 -2.55 -3.96 4.99
N ARG A 21 -3.12 -2.98 5.63
CA ARG A 21 -4.57 -2.92 5.99
C ARG A 21 -4.78 -2.13 7.28
N THR A 22 -3.77 -1.90 8.09
CA THR A 22 -4.01 -1.12 9.33
C THR A 22 -3.74 0.36 9.05
N SER A 23 -3.17 0.68 7.92
CA SER A 23 -2.91 2.12 7.64
C SER A 23 -3.85 2.48 6.50
N GLN A 24 -4.38 3.67 6.47
CA GLN A 24 -5.32 4.01 5.37
C GLN A 24 -4.63 4.33 4.03
N LYS A 25 -3.96 5.42 3.85
CA LYS A 25 -3.33 5.63 2.52
C LYS A 25 -2.49 4.39 2.23
N TYR A 26 -1.79 3.96 3.22
CA TYR A 26 -0.94 2.76 3.05
C TYR A 26 -1.81 1.65 2.44
N ARG A 27 -2.64 0.97 3.19
CA ARG A 27 -3.47 -0.11 2.59
C ARG A 27 -4.07 0.31 1.24
N ALA A 28 -4.87 1.34 1.18
CA ALA A 28 -5.46 1.77 -0.12
C ALA A 28 -4.39 2.32 -1.07
N ASN A 29 -3.86 3.48 -0.80
CA ASN A 29 -2.81 4.07 -1.69
C ASN A 29 -1.63 3.16 -2.02
N CYS A 30 -1.51 2.01 -1.42
CA CYS A 30 -0.37 1.07 -1.70
C CYS A 30 -1.05 -0.29 -1.83
N ALA A 31 -2.15 -0.22 -2.53
CA ALA A 31 -3.03 -1.39 -2.82
C ALA A 31 -2.36 -2.37 -3.82
N LYS A 32 -1.27 -1.98 -4.40
CA LYS A 32 -0.57 -2.88 -5.38
C LYS A 32 0.35 -3.79 -4.55
N THR A 33 0.92 -3.16 -3.57
CA THR A 33 1.87 -3.76 -2.60
C THR A 33 1.09 -4.57 -1.57
N CYS A 34 -0.15 -4.22 -1.39
CA CYS A 34 -1.01 -4.93 -0.42
C CYS A 34 -2.08 -5.74 -1.17
N GLU A 35 -2.15 -5.58 -2.46
CA GLU A 35 -3.16 -6.33 -3.25
C GLU A 35 -4.56 -5.99 -2.77
N LEU A 36 -4.65 -4.77 -2.30
CA LEU A 36 -5.94 -4.23 -1.79
C LEU A 36 -6.66 -3.71 -3.04
N CYS A 37 -5.99 -3.64 -4.16
CA CYS A 37 -6.69 -3.14 -5.38
C CYS A 37 -6.22 -3.92 -6.60
N VAL A 1 -9.11 5.68 -9.30
CA VAL A 1 -9.23 4.29 -8.79
C VAL A 1 -8.12 4.03 -7.77
N CYS A 2 -8.39 3.27 -6.75
CA CYS A 2 -7.34 2.99 -5.73
C CYS A 2 -6.16 2.29 -6.41
N ARG A 3 -5.08 2.10 -5.71
CA ARG A 3 -3.86 1.44 -6.25
C ARG A 3 -2.65 2.08 -5.56
N ASP A 4 -1.45 1.62 -5.80
CA ASP A 4 -0.30 2.25 -5.13
C ASP A 4 -0.42 3.76 -5.38
N TRP A 5 0.32 4.60 -4.70
CA TRP A 5 0.13 6.06 -5.01
C TRP A 5 1.42 6.81 -4.69
N PHE A 6 2.17 6.40 -3.70
CA PHE A 6 3.42 7.13 -3.40
C PHE A 6 4.43 6.49 -4.35
N LYS A 7 5.66 6.34 -3.95
CA LYS A 7 6.60 5.70 -4.90
C LYS A 7 6.15 4.24 -4.87
N GLU A 8 6.26 3.48 -5.93
CA GLU A 8 5.81 2.07 -5.82
C GLU A 8 6.51 1.37 -4.66
N THR A 9 7.57 1.92 -4.13
CA THR A 9 8.22 1.22 -3.01
C THR A 9 7.76 1.78 -1.67
N ALA A 10 7.27 2.99 -1.60
CA ALA A 10 6.80 3.52 -0.29
C ALA A 10 5.82 2.45 0.12
N CYS A 11 5.04 2.10 -0.86
CA CYS A 11 4.00 1.07 -0.67
C CYS A 11 4.71 -0.19 -0.21
N ARG A 12 5.84 -0.53 -0.76
CA ARG A 12 6.55 -1.76 -0.32
C ARG A 12 6.87 -1.66 1.18
N HIS A 13 7.08 -0.47 1.67
CA HIS A 13 7.41 -0.30 3.11
C HIS A 13 6.14 -0.46 3.94
N ALA A 14 4.98 -0.26 3.40
CA ALA A 14 3.75 -0.43 4.25
C ALA A 14 3.13 -1.82 4.12
N LYS A 15 3.30 -2.47 3.00
CA LYS A 15 2.73 -3.84 2.79
C LYS A 15 3.77 -4.81 3.35
N SER A 16 5.04 -4.47 3.36
CA SER A 16 6.06 -5.41 3.90
C SER A 16 6.34 -5.18 5.38
N LEU A 17 5.99 -4.05 5.93
CA LEU A 17 6.26 -3.82 7.38
C LEU A 17 5.15 -4.33 8.28
N GLY A 18 3.94 -4.01 7.93
CA GLY A 18 2.76 -4.45 8.73
C GLY A 18 1.56 -3.54 8.42
N ASN A 19 1.75 -2.37 7.86
CA ASN A 19 0.60 -1.49 7.57
C ASN A 19 -0.16 -1.98 6.33
N CYS A 20 0.21 -3.11 5.78
CA CYS A 20 -0.52 -3.59 4.57
C CYS A 20 -2.02 -3.29 4.66
N ARG A 21 -2.58 -3.52 5.82
CA ARG A 21 -4.05 -3.26 6.00
C ARG A 21 -4.35 -2.44 7.25
N THR A 22 -3.35 -1.91 7.89
CA THR A 22 -3.61 -1.11 9.11
C THR A 22 -3.49 0.39 8.83
N SER A 23 -3.10 0.77 7.65
CA SER A 23 -2.99 2.24 7.38
C SER A 23 -3.90 2.59 6.21
N GLN A 24 -4.43 3.79 6.15
CA GLN A 24 -5.33 4.15 5.01
C GLN A 24 -4.58 4.48 3.72
N LYS A 25 -3.57 5.32 3.73
CA LYS A 25 -2.85 5.61 2.46
C LYS A 25 -1.68 4.65 2.18
N TYR A 26 -1.79 3.53 2.80
CA TYR A 26 -0.89 2.37 2.80
C TYR A 26 -1.83 1.27 2.28
N ARG A 27 -2.67 0.72 3.13
CA ARG A 27 -3.61 -0.33 2.66
C ARG A 27 -4.29 0.15 1.37
N ALA A 28 -4.64 1.40 1.31
CA ALA A 28 -5.32 1.94 0.10
C ALA A 28 -4.35 2.56 -0.92
N ASN A 29 -3.44 3.40 -0.50
CA ASN A 29 -2.51 4.00 -1.51
C ASN A 29 -1.34 3.06 -1.82
N CYS A 30 -1.42 1.85 -1.34
CA CYS A 30 -0.33 0.85 -1.56
C CYS A 30 -1.00 -0.52 -1.69
N ALA A 31 -2.16 -0.51 -2.29
CA ALA A 31 -2.97 -1.73 -2.52
C ALA A 31 -2.33 -2.61 -3.60
N LYS A 32 -1.29 -2.12 -4.22
CA LYS A 32 -0.58 -2.91 -5.27
C LYS A 32 0.44 -3.79 -4.54
N THR A 33 0.83 -3.33 -3.39
CA THR A 33 1.83 -4.01 -2.52
C THR A 33 1.11 -5.02 -1.62
N CYS A 34 -0.16 -4.83 -1.40
CA CYS A 34 -0.87 -5.80 -0.54
C CYS A 34 -2.03 -6.42 -1.33
N GLU A 35 -2.19 -6.04 -2.57
CA GLU A 35 -3.30 -6.60 -3.37
C GLU A 35 -4.65 -6.18 -2.79
N LEU A 36 -4.63 -5.02 -2.20
CA LEU A 36 -5.86 -4.46 -1.60
C LEU A 36 -6.60 -3.76 -2.73
N CYS A 37 -5.99 -3.64 -3.89
CA CYS A 37 -6.68 -2.97 -5.02
C CYS A 37 -5.69 -2.75 -6.16
N VAL A 1 -9.79 3.35 -11.13
CA VAL A 1 -8.93 2.14 -11.26
C VAL A 1 -8.16 1.92 -9.95
N CYS A 2 -7.65 0.74 -9.73
CA CYS A 2 -6.91 0.47 -8.47
C CYS A 2 -5.40 0.61 -8.74
N ARG A 3 -4.60 0.63 -7.71
CA ARG A 3 -3.12 0.77 -7.87
C ARG A 3 -2.55 1.40 -6.60
N ASP A 4 -1.32 1.82 -6.60
CA ASP A 4 -0.75 2.44 -5.37
C ASP A 4 -0.84 3.96 -5.47
N TRP A 5 -0.05 4.71 -4.75
CA TRP A 5 -0.18 6.19 -4.87
C TRP A 5 1.18 6.82 -4.51
N PHE A 6 1.89 6.28 -3.55
CA PHE A 6 3.20 6.86 -3.19
C PHE A 6 4.20 6.22 -4.14
N LYS A 7 5.46 6.33 -3.85
CA LYS A 7 6.42 5.68 -4.79
C LYS A 7 5.96 4.22 -4.76
N GLU A 8 6.11 3.48 -5.82
CA GLU A 8 5.66 2.05 -5.76
C GLU A 8 6.37 1.35 -4.61
N THR A 9 7.46 1.91 -4.17
CA THR A 9 8.20 1.28 -3.06
C THR A 9 7.69 1.79 -1.71
N ALA A 10 7.18 2.99 -1.66
CA ALA A 10 6.65 3.53 -0.37
C ALA A 10 5.72 2.42 0.09
N CYS A 11 5.00 1.93 -0.89
CA CYS A 11 4.04 0.84 -0.65
C CYS A 11 4.85 -0.39 -0.25
N ARG A 12 5.96 -0.66 -0.88
CA ARG A 12 6.72 -1.85 -0.45
C ARG A 12 6.95 -1.74 1.06
N HIS A 13 7.03 -0.54 1.57
CA HIS A 13 7.24 -0.39 3.05
C HIS A 13 5.95 -0.85 3.72
N ALA A 14 4.83 -0.49 3.18
CA ALA A 14 3.56 -0.94 3.83
C ALA A 14 3.43 -2.46 3.65
N LYS A 15 3.27 -2.98 2.46
CA LYS A 15 3.15 -4.45 2.30
C LYS A 15 4.20 -5.15 3.17
N SER A 16 5.38 -4.57 3.33
CA SER A 16 6.45 -5.20 4.16
C SER A 16 6.33 -5.02 5.67
N LEU A 17 5.69 -3.99 6.16
CA LEU A 17 5.59 -3.82 7.63
C LEU A 17 4.38 -4.55 8.20
N GLY A 18 3.25 -4.50 7.55
CA GLY A 18 2.05 -5.21 8.07
C GLY A 18 0.83 -4.31 8.13
N ASN A 19 0.96 -3.10 7.65
CA ASN A 19 -0.17 -2.14 7.66
C ASN A 19 -1.31 -2.95 7.07
N CYS A 20 -1.08 -3.34 5.84
CA CYS A 20 -2.05 -4.14 5.05
C CYS A 20 -3.48 -4.14 5.57
N ARG A 21 -4.15 -3.09 5.21
CA ARG A 21 -5.58 -2.83 5.58
C ARG A 21 -5.78 -2.27 6.99
N THR A 22 -4.70 -1.88 7.58
CA THR A 22 -4.71 -1.30 8.96
C THR A 22 -4.31 0.17 8.88
N SER A 23 -4.19 0.71 7.69
CA SER A 23 -3.81 2.14 7.56
C SER A 23 -4.66 2.68 6.41
N GLN A 24 -5.14 3.89 6.49
CA GLN A 24 -5.97 4.38 5.36
C GLN A 24 -5.12 4.47 4.08
N LYS A 25 -4.31 5.49 3.95
CA LYS A 25 -3.48 5.60 2.72
C LYS A 25 -2.85 4.24 2.42
N TYR A 26 -1.92 3.82 3.22
CA TYR A 26 -1.24 2.50 2.99
C TYR A 26 -2.18 1.44 2.43
N ARG A 27 -3.27 1.13 3.08
CA ARG A 27 -4.17 0.08 2.51
C ARG A 27 -4.51 0.43 1.06
N ALA A 28 -4.95 1.63 0.82
CA ALA A 28 -5.31 2.04 -0.58
C ALA A 28 -4.03 2.42 -1.33
N ASN A 29 -3.51 3.58 -1.06
CA ASN A 29 -2.25 4.06 -1.72
C ASN A 29 -1.26 2.92 -1.97
N CYS A 30 -1.30 1.87 -1.22
CA CYS A 30 -0.35 0.75 -1.44
C CYS A 30 -1.18 -0.52 -1.63
N ALA A 31 -2.05 -0.42 -2.60
CA ALA A 31 -2.96 -1.56 -2.95
C ALA A 31 -2.28 -2.45 -4.00
N LYS A 32 -1.16 -2.02 -4.53
CA LYS A 32 -0.46 -2.84 -5.56
C LYS A 32 0.52 -3.78 -4.85
N THR A 33 1.02 -3.27 -3.76
CA THR A 33 2.01 -3.95 -2.88
C THR A 33 1.38 -4.77 -1.76
N CYS A 34 0.30 -4.29 -1.21
CA CYS A 34 -0.38 -4.99 -0.10
C CYS A 34 -1.55 -5.81 -0.65
N GLU A 35 -1.84 -5.65 -1.91
CA GLU A 35 -2.96 -6.40 -2.55
C GLU A 35 -4.32 -6.00 -2.02
N LEU A 36 -4.55 -4.74 -2.26
CA LEU A 36 -5.78 -4.01 -1.90
C LEU A 36 -6.31 -3.33 -3.16
N CYS A 37 -5.63 -3.46 -4.28
CA CYS A 37 -6.14 -2.80 -5.51
C CYS A 37 -7.49 -3.39 -5.89
#